data_6HMD
#
_entry.id   6HMD
#
_cell.length_a   44.890
_cell.length_b   45.820
_cell.length_c   48.520
_cell.angle_alpha   113.02
_cell.angle_beta   89.21
_cell.angle_gamma   91.18
#
_symmetry.space_group_name_H-M   'P 1'
#
loop_
_entity.id
_entity.type
_entity.pdbx_description
1 polymer "Casein kinase II subunit alpha'"
2 non-polymer 1,2-ETHANEDIOL
3 non-polymer 5-[2-(diethylamino)ethyl]-7,8-dihydro-6~{H}-indeno[1,2-b]indole-9,10-dione
4 non-polymer 'CHLORIDE ION'
5 water water
#
_entity_poly.entity_id   1
_entity_poly.type   'polypeptide(L)'
_entity_poly.pdbx_seq_one_letter_code
;HMGSSHHHHHHSQDPMPGPAAGSRARVYAEVNSLRSREYWDYEAHVPSWGNQDDYQLVRKLGRGKYSEVFEAINITNNER
VVVKILKPVKKKKIKREVKILENLRGGTNIIKLIDTVKDPVSKTPALVFEYINNTDFKQLYQILTDFDIRFYMYELLKAL
DYCHSKGIMHRDVKPHNVMIDHQQKKLRLIDWGLAEFYHPAQEYNVRVASRYFKGPELLVDYQMYDYSLDMWSLGCMLAS
MIFRREPFFHGQDNYDQLVRIAKVLGTEELYGYLKKYHIDLDPHFNDILGQHSRKRWENFIHSENRHLVSPEALDLLDKL
LRYDHQQRLTAKEAMEHPYFYPVVKEQSQPSADNAVLSSGLTAAR
;
_entity_poly.pdbx_strand_id   A
#
# COMPACT_ATOMS: atom_id res chain seq x y z
N GLY A 22 -21.77 -6.18 -9.01
CA GLY A 22 -20.48 -6.47 -8.41
C GLY A 22 -19.54 -5.28 -8.48
N SER A 23 -18.25 -5.56 -8.65
CA SER A 23 -17.27 -4.50 -8.75
C SER A 23 -16.07 -5.00 -9.52
N ARG A 24 -15.49 -4.11 -10.30
CA ARG A 24 -14.34 -4.45 -11.11
C ARG A 24 -13.38 -3.27 -11.05
N ALA A 25 -12.10 -3.56 -11.01
CA ALA A 25 -11.13 -2.51 -11.15
C ALA A 25 -11.38 -1.80 -12.47
N ARG A 26 -11.22 -0.51 -12.45
CA ARG A 26 -11.35 0.24 -13.66
C ARG A 26 -10.14 0.10 -14.52
N VAL A 27 -9.07 -0.39 -13.95
CA VAL A 27 -7.84 -0.54 -14.69
C VAL A 27 -7.29 -1.87 -14.35
N TYR A 28 -6.54 -2.38 -15.28
CA TYR A 28 -5.77 -3.57 -15.08
CA TYR A 28 -5.76 -3.56 -15.04
C TYR A 28 -6.64 -4.71 -14.62
N ALA A 29 -7.89 -4.69 -15.05
CA ALA A 29 -8.79 -5.72 -14.62
C ALA A 29 -8.50 -7.01 -15.34
N GLU A 30 -7.85 -6.93 -16.48
CA GLU A 30 -7.57 -8.11 -17.27
C GLU A 30 -6.09 -8.44 -17.26
N VAL A 31 -5.28 -7.72 -16.49
CA VAL A 31 -3.85 -7.94 -16.54
C VAL A 31 -3.56 -9.40 -16.39
N ASN A 32 -4.13 -9.98 -15.39
CA ASN A 32 -3.73 -11.32 -15.08
C ASN A 32 -4.33 -12.28 -16.04
N SER A 33 -5.58 -12.08 -16.40
CA SER A 33 -6.20 -13.03 -17.28
C SER A 33 -5.54 -13.01 -18.62
N LEU A 34 -4.95 -11.90 -19.00
CA LEU A 34 -4.29 -11.83 -20.28
C LEU A 34 -2.90 -12.35 -20.21
N ARG A 35 -2.42 -12.64 -19.04
CA ARG A 35 -1.10 -13.17 -18.92
C ARG A 35 -1.18 -14.66 -18.79
N SER A 36 -0.04 -15.27 -18.95
CA SER A 36 0.06 -16.68 -18.72
C SER A 36 -0.45 -16.97 -17.34
N ARG A 37 -1.10 -18.09 -17.21
CA ARG A 37 -1.56 -18.48 -15.90
C ARG A 37 -0.41 -18.45 -14.93
N GLU A 38 0.77 -18.83 -15.38
CA GLU A 38 1.87 -18.91 -14.45
C GLU A 38 2.16 -17.57 -13.86
N TYR A 39 1.78 -16.51 -14.54
CA TYR A 39 2.04 -15.20 -13.99
C TYR A 39 1.34 -15.04 -12.67
N TRP A 40 0.10 -15.44 -12.60
CA TRP A 40 -0.68 -15.16 -11.44
C TRP A 40 -0.95 -16.37 -10.61
N ASP A 41 -0.70 -17.54 -11.15
CA ASP A 41 -1.01 -18.74 -10.42
C ASP A 41 0.16 -19.00 -9.50
N TYR A 42 0.22 -18.19 -8.47
CA TYR A 42 1.40 -18.22 -7.62
C TYR A 42 1.49 -19.53 -6.88
N GLU A 43 0.35 -20.19 -6.65
CA GLU A 43 0.39 -21.47 -5.96
C GLU A 43 1.19 -22.46 -6.77
N ALA A 44 1.21 -22.30 -8.09
CA ALA A 44 2.01 -23.16 -8.93
C ALA A 44 3.44 -22.67 -9.02
N HIS A 45 3.73 -21.51 -8.45
CA HIS A 45 5.05 -20.98 -8.58
C HIS A 45 6.02 -21.78 -7.75
N VAL A 46 7.16 -22.07 -8.34
CA VAL A 46 8.21 -22.81 -7.67
C VAL A 46 9.38 -21.87 -7.56
N PRO A 47 9.53 -21.18 -6.45
CA PRO A 47 10.70 -20.31 -6.30
C PRO A 47 11.96 -21.14 -6.41
N SER A 48 13.00 -20.53 -6.92
CA SER A 48 14.35 -21.08 -6.81
C SER A 48 14.87 -20.57 -5.48
N TRP A 49 14.96 -21.45 -4.50
CA TRP A 49 15.38 -21.06 -3.16
C TRP A 49 16.90 -21.12 -3.10
N GLY A 50 17.51 -19.96 -3.07
CA GLY A 50 18.93 -19.86 -2.91
C GLY A 50 19.30 -20.18 -1.50
N ASN A 51 20.57 -19.98 -1.23
CA ASN A 51 21.12 -20.40 0.03
C ASN A 51 21.18 -19.23 0.96
N GLN A 52 20.41 -19.28 2.03
CA GLN A 52 20.45 -18.19 2.97
C GLN A 52 21.81 -18.06 3.61
N ASP A 53 22.61 -19.10 3.56
CA ASP A 53 23.91 -19.03 4.19
C ASP A 53 24.78 -17.98 3.58
N ASP A 54 24.41 -17.47 2.41
CA ASP A 54 25.16 -16.37 1.85
C ASP A 54 24.93 -15.11 2.62
N TYR A 55 23.97 -15.10 3.51
CA TYR A 55 23.57 -13.87 4.15
C TYR A 55 23.92 -13.96 5.61
N GLN A 56 24.50 -12.90 6.08
CA GLN A 56 24.78 -12.74 7.47
C GLN A 56 23.75 -11.76 7.97
N LEU A 57 22.93 -12.19 8.89
CA LEU A 57 22.01 -11.27 9.50
C LEU A 57 22.77 -10.35 10.38
N VAL A 58 22.50 -9.08 10.23
CA VAL A 58 23.21 -8.09 10.98
C VAL A 58 22.37 -7.54 12.09
N ARG A 59 21.12 -7.27 11.80
CA ARG A 59 20.29 -6.73 12.84
C ARG A 59 18.87 -6.92 12.41
N LYS A 60 18.04 -7.14 13.40
CA LYS A 60 16.62 -7.21 13.16
C LYS A 60 16.15 -5.82 12.80
N LEU A 61 15.37 -5.74 11.75
CA LEU A 61 14.75 -4.49 11.37
C LEU A 61 13.30 -4.43 11.80
N GLY A 62 12.68 -5.57 12.03
CA GLY A 62 11.28 -5.62 12.40
C GLY A 62 10.80 -7.04 12.33
N ARG A 63 9.60 -7.23 12.85
CA ARG A 63 8.97 -8.54 12.85
C ARG A 63 7.49 -8.36 12.54
N GLY A 64 7.00 -9.14 11.56
CA GLY A 64 5.60 -9.19 11.25
C GLY A 64 4.96 -10.46 11.75
N LYS A 65 3.65 -10.56 11.51
CA LYS A 65 2.92 -11.78 11.88
C LYS A 65 3.55 -13.00 11.24
N TYR A 66 4.05 -12.84 10.01
CA TYR A 66 4.49 -13.97 9.20
C TYR A 66 5.97 -13.90 8.83
N SER A 67 6.73 -12.98 9.41
CA SER A 67 8.12 -12.85 9.01
C SER A 67 8.87 -12.00 10.02
N GLU A 68 10.17 -12.19 10.03
N GLU A 68 10.19 -12.04 9.88
CA GLU A 68 11.04 -11.27 10.70
CA GLU A 68 11.10 -11.14 10.59
C GLU A 68 12.03 -10.78 9.67
C GLU A 68 12.10 -10.63 9.59
N VAL A 69 12.44 -9.55 9.84
N VAL A 69 12.25 -9.31 9.53
CA VAL A 69 13.20 -8.87 8.82
CA VAL A 69 13.16 -8.69 8.57
C VAL A 69 14.50 -8.42 9.42
C VAL A 69 14.44 -8.30 9.29
N PHE A 70 15.56 -8.64 8.69
CA PHE A 70 16.87 -8.33 9.17
C PHE A 70 17.59 -7.57 8.12
N GLU A 71 18.35 -6.61 8.56
CA GLU A 71 19.43 -6.17 7.75
C GLU A 71 20.41 -7.31 7.71
N ALA A 72 20.94 -7.54 6.53
CA ALA A 72 21.85 -8.63 6.40
C ALA A 72 22.87 -8.21 5.40
N ILE A 73 23.96 -8.92 5.41
CA ILE A 73 25.00 -8.72 4.43
C ILE A 73 25.09 -10.00 3.66
N ASN A 74 25.09 -9.90 2.36
CA ASN A 74 25.46 -11.04 1.57
C ASN A 74 26.95 -11.18 1.70
N ILE A 75 27.39 -12.24 2.37
CA ILE A 75 28.81 -12.37 2.67
C ILE A 75 29.61 -12.62 1.42
N THR A 76 28.94 -13.03 0.33
CA THR A 76 29.69 -13.32 -0.89
C THR A 76 30.08 -12.05 -1.61
N ASN A 77 29.26 -11.02 -1.53
CA ASN A 77 29.53 -9.78 -2.24
C ASN A 77 29.42 -8.56 -1.35
N ASN A 78 29.29 -8.76 -0.04
CA ASN A 78 29.20 -7.68 0.94
C ASN A 78 27.97 -6.83 0.75
N GLU A 79 27.03 -7.24 -0.08
CA GLU A 79 25.85 -6.43 -0.33
CA GLU A 79 25.87 -6.41 -0.31
C GLU A 79 24.98 -6.43 0.90
N ARG A 80 24.63 -5.26 1.37
CA ARG A 80 23.68 -5.17 2.44
C ARG A 80 22.31 -5.36 1.85
N VAL A 81 21.52 -6.16 2.49
CA VAL A 81 20.25 -6.53 2.01
C VAL A 81 19.34 -6.58 3.22
N VAL A 82 18.10 -6.85 2.95
CA VAL A 82 17.17 -7.12 4.00
C VAL A 82 16.73 -8.53 3.78
N VAL A 83 16.77 -9.30 4.83
CA VAL A 83 16.37 -10.66 4.75
C VAL A 83 15.11 -10.75 5.54
N LYS A 84 14.09 -11.22 4.91
CA LYS A 84 12.81 -11.38 5.52
C LYS A 84 12.65 -12.86 5.67
N ILE A 85 12.76 -13.31 6.89
CA ILE A 85 12.66 -14.72 7.17
C ILE A 85 11.19 -14.99 7.38
N LEU A 86 10.66 -15.88 6.57
CA LEU A 86 9.23 -16.11 6.53
C LEU A 86 8.88 -17.14 7.60
N LYS A 87 7.82 -16.86 8.35
CA LYS A 87 7.40 -17.72 9.45
C LYS A 87 6.63 -18.91 8.90
N PRO A 88 6.38 -19.92 9.75
CA PRO A 88 5.68 -21.13 9.26
C PRO A 88 4.25 -20.90 8.82
N VAL A 89 4.04 -20.01 7.84
CA VAL A 89 2.75 -19.96 7.15
C VAL A 89 2.73 -21.02 6.05
N LYS A 90 1.54 -21.32 5.57
CA LYS A 90 1.43 -22.16 4.39
C LYS A 90 2.33 -21.58 3.30
N LYS A 91 3.02 -22.47 2.58
CA LYS A 91 3.86 -21.96 1.51
C LYS A 91 3.05 -21.23 0.45
N LYS A 92 1.72 -21.33 0.48
CA LYS A 92 0.90 -20.61 -0.49
C LYS A 92 1.17 -19.12 -0.39
N LYS A 93 1.11 -18.57 0.83
CA LYS A 93 1.34 -17.14 0.99
C LYS A 93 2.77 -16.80 0.65
N ILE A 94 3.71 -17.70 0.90
CA ILE A 94 5.08 -17.44 0.49
C ILE A 94 5.17 -17.41 -1.01
N LYS A 95 4.61 -18.41 -1.66
CA LYS A 95 4.63 -18.40 -3.10
C LYS A 95 3.97 -17.16 -3.62
N ARG A 96 2.89 -16.75 -2.97
CA ARG A 96 2.20 -15.58 -3.44
C ARG A 96 3.11 -14.39 -3.37
N GLU A 97 3.72 -14.18 -2.22
CA GLU A 97 4.57 -13.03 -2.09
C GLU A 97 5.74 -13.15 -3.03
N VAL A 98 6.31 -14.34 -3.13
CA VAL A 98 7.46 -14.48 -3.99
C VAL A 98 7.06 -14.23 -5.41
N LYS A 99 5.98 -14.83 -5.83
CA LYS A 99 5.61 -14.69 -7.21
C LYS A 99 5.27 -13.25 -7.50
N ILE A 100 4.58 -12.64 -6.56
CA ILE A 100 4.26 -11.25 -6.76
C ILE A 100 5.53 -10.46 -6.86
N LEU A 101 6.45 -10.70 -5.96
CA LEU A 101 7.67 -9.93 -5.99
C LEU A 101 8.41 -10.19 -7.27
N GLU A 102 8.40 -11.42 -7.74
N GLU A 102 8.45 -11.44 -7.69
CA GLU A 102 9.10 -11.70 -8.97
CA GLU A 102 9.06 -11.76 -8.97
C GLU A 102 8.37 -11.09 -10.16
C GLU A 102 8.37 -10.98 -10.07
N ASN A 103 7.05 -11.03 -10.09
CA ASN A 103 6.31 -10.36 -11.14
C ASN A 103 6.57 -8.89 -11.11
N LEU A 104 6.84 -8.36 -9.95
CA LEU A 104 7.05 -6.95 -9.82
C LEU A 104 8.48 -6.57 -9.95
N ARG A 105 9.34 -7.54 -10.25
CA ARG A 105 10.75 -7.28 -10.30
C ARG A 105 11.00 -6.16 -11.30
N GLY A 106 11.89 -5.25 -10.90
CA GLY A 106 12.14 -4.07 -11.68
C GLY A 106 11.04 -3.04 -11.63
N GLY A 107 9.92 -3.34 -10.97
CA GLY A 107 8.87 -2.35 -10.85
C GLY A 107 9.39 -1.13 -10.12
N THR A 108 9.02 0.02 -10.60
CA THR A 108 9.55 1.23 -10.01
C THR A 108 9.10 1.32 -8.58
N ASN A 109 10.08 1.46 -7.72
CA ASN A 109 9.86 1.71 -6.33
C ASN A 109 9.21 0.56 -5.65
N ILE A 110 9.21 -0.57 -6.27
CA ILE A 110 8.84 -1.76 -5.57
CA ILE A 110 8.84 -1.83 -5.65
C ILE A 110 10.11 -2.36 -5.04
N ILE A 111 10.04 -2.75 -3.79
CA ILE A 111 11.23 -3.31 -3.21
C ILE A 111 11.69 -4.43 -4.08
N LYS A 112 12.99 -4.45 -4.27
CA LYS A 112 13.59 -5.43 -5.13
C LYS A 112 13.78 -6.68 -4.31
N LEU A 113 13.16 -7.75 -4.75
CA LEU A 113 13.44 -9.05 -4.22
C LEU A 113 14.74 -9.48 -4.88
N ILE A 114 15.80 -9.50 -4.10
CA ILE A 114 17.08 -9.91 -4.62
C ILE A 114 17.11 -11.40 -4.77
N ASP A 115 16.55 -12.10 -3.80
CA ASP A 115 16.58 -13.52 -3.91
C ASP A 115 15.59 -14.10 -2.95
N THR A 116 15.27 -15.33 -3.22
CA THR A 116 14.46 -16.13 -2.35
C THR A 116 15.41 -17.20 -1.88
N VAL A 117 15.60 -17.29 -0.60
CA VAL A 117 16.60 -18.19 -0.09
C VAL A 117 15.96 -18.99 0.99
N LYS A 118 16.61 -20.07 1.28
CA LYS A 118 16.20 -20.87 2.40
C LYS A 118 17.42 -21.13 3.22
N ASP A 119 17.21 -21.17 4.51
CA ASP A 119 18.14 -21.86 5.34
C ASP A 119 18.29 -23.25 4.74
N PRO A 120 19.49 -23.63 4.29
CA PRO A 120 19.62 -24.89 3.55
C PRO A 120 19.35 -26.09 4.40
N VAL A 121 19.24 -25.92 5.71
CA VAL A 121 18.99 -27.05 6.57
C VAL A 121 17.52 -27.06 6.95
N SER A 122 17.06 -25.98 7.54
CA SER A 122 15.68 -25.95 7.99
C SER A 122 14.74 -25.76 6.83
N LYS A 123 15.26 -25.27 5.72
CA LYS A 123 14.47 -24.92 4.56
C LYS A 123 13.55 -23.77 4.86
N THR A 124 13.74 -23.08 5.98
CA THR A 124 12.94 -21.92 6.24
C THR A 124 13.21 -20.93 5.14
N PRO A 125 12.20 -20.45 4.48
CA PRO A 125 12.41 -19.55 3.37
C PRO A 125 12.58 -18.14 3.88
N ALA A 126 13.31 -17.41 3.10
CA ALA A 126 13.49 -16.03 3.41
C ALA A 126 13.55 -15.32 2.09
N LEU A 127 13.17 -14.10 2.15
CA LEU A 127 13.24 -13.25 1.00
C LEU A 127 14.33 -12.26 1.27
N VAL A 128 15.12 -12.02 0.26
CA VAL A 128 16.21 -11.10 0.36
C VAL A 128 15.81 -9.93 -0.46
N PHE A 129 15.78 -8.81 0.17
CA PHE A 129 15.37 -7.61 -0.49
C PHE A 129 16.52 -6.68 -0.53
N GLU A 130 16.46 -5.81 -1.49
CA GLU A 130 17.40 -4.74 -1.47
C GLU A 130 17.24 -3.99 -0.17
N TYR A 131 18.33 -3.44 0.25
CA TYR A 131 18.33 -2.68 1.45
C TYR A 131 17.97 -1.26 1.10
N ILE A 132 17.12 -0.66 1.92
N ILE A 132 17.12 -0.69 1.95
CA ILE A 132 16.92 0.77 1.82
CA ILE A 132 16.77 0.72 1.92
C ILE A 132 16.94 1.33 3.24
C ILE A 132 17.06 1.23 3.32
N ASN A 133 17.66 2.42 3.40
CA ASN A 133 17.86 3.07 4.69
C ASN A 133 16.60 3.88 4.92
N ASN A 134 15.64 3.27 5.60
CA ASN A 134 14.35 3.90 5.77
C ASN A 134 14.46 5.02 6.79
N THR A 135 13.90 6.15 6.42
CA THR A 135 13.69 7.23 7.37
C THR A 135 12.38 6.93 8.08
N ASP A 136 12.45 6.82 9.40
N ASP A 136 12.45 6.81 9.41
CA ASP A 136 11.26 6.54 10.20
CA ASP A 136 11.27 6.61 10.22
C ASP A 136 10.14 7.47 9.79
C ASP A 136 10.15 7.50 9.73
N PHE A 137 9.04 6.88 9.32
CA PHE A 137 7.98 7.67 8.74
C PHE A 137 7.34 8.59 9.77
N LYS A 138 7.21 8.13 11.01
CA LYS A 138 6.56 8.96 12.01
C LYS A 138 7.22 10.32 12.11
N GLN A 139 8.56 10.33 12.13
CA GLN A 139 9.28 11.59 12.12
C GLN A 139 9.28 12.21 10.73
N LEU A 140 9.52 11.39 9.71
CA LEU A 140 9.60 11.92 8.36
C LEU A 140 8.33 12.67 7.99
N TYR A 141 7.17 12.10 8.32
CA TYR A 141 5.92 12.67 7.82
C TYR A 141 5.60 14.01 8.44
N GLN A 142 6.20 14.34 9.57
CA GLN A 142 6.01 15.65 10.15
C GLN A 142 6.98 16.68 9.58
N ILE A 143 7.96 16.26 8.77
CA ILE A 143 8.96 17.16 8.21
C ILE A 143 8.96 17.18 6.70
N LEU A 144 8.13 16.38 6.06
CA LEU A 144 8.09 16.42 4.61
C LEU A 144 7.66 17.80 4.16
N THR A 145 8.30 18.27 3.10
CA THR A 145 7.80 19.46 2.47
C THR A 145 6.66 19.08 1.57
N ASP A 146 5.95 20.10 1.11
CA ASP A 146 4.93 19.89 0.12
C ASP A 146 5.50 19.12 -1.04
N PHE A 147 6.63 19.56 -1.55
CA PHE A 147 7.18 18.86 -2.68
C PHE A 147 7.55 17.45 -2.31
N ASP A 148 8.10 17.25 -1.12
CA ASP A 148 8.46 15.90 -0.72
C ASP A 148 7.27 15.02 -0.76
N ILE A 149 6.16 15.50 -0.23
CA ILE A 149 4.98 14.67 -0.21
C ILE A 149 4.59 14.35 -1.62
N ARG A 150 4.55 15.35 -2.45
CA ARG A 150 4.22 15.07 -3.83
C ARG A 150 5.20 14.09 -4.38
N PHE A 151 6.46 14.32 -4.09
CA PHE A 151 7.47 13.47 -4.68
C PHE A 151 7.30 12.07 -4.20
N TYR A 152 7.16 11.88 -2.91
CA TYR A 152 7.09 10.53 -2.42
C TYR A 152 5.80 9.89 -2.77
N MET A 153 4.72 10.65 -2.74
CA MET A 153 3.48 10.08 -3.16
C MET A 153 3.59 9.68 -4.59
N TYR A 154 4.24 10.48 -5.39
CA TYR A 154 4.39 10.10 -6.76
C TYR A 154 5.21 8.85 -6.87
N GLU A 155 6.28 8.79 -6.10
CA GLU A 155 7.09 7.59 -6.14
C GLU A 155 6.27 6.41 -5.71
N LEU A 156 5.47 6.58 -4.69
CA LEU A 156 4.68 5.47 -4.25
C LEU A 156 3.66 5.13 -5.29
N LEU A 157 3.08 6.13 -5.91
CA LEU A 157 2.15 5.83 -6.94
C LEU A 157 2.82 5.09 -8.05
N LYS A 158 4.07 5.37 -8.32
CA LYS A 158 4.70 4.63 -9.38
C LYS A 158 4.69 3.19 -9.02
N ALA A 159 4.97 2.89 -7.77
CA ALA A 159 5.01 1.52 -7.35
C ALA A 159 3.64 0.93 -7.46
N LEU A 160 2.64 1.68 -7.03
CA LEU A 160 1.32 1.12 -7.05
C LEU A 160 0.82 0.99 -8.44
N ASP A 161 1.05 2.00 -9.24
CA ASP A 161 0.62 1.82 -10.60
C ASP A 161 1.34 0.66 -11.19
N TYR A 162 2.60 0.50 -10.87
CA TYR A 162 3.29 -0.61 -11.42
C TYR A 162 2.67 -1.89 -10.96
N CYS A 163 2.48 -2.04 -9.67
CA CYS A 163 2.00 -3.32 -9.25
C CYS A 163 0.59 -3.53 -9.72
N HIS A 164 -0.21 -2.49 -9.71
CA HIS A 164 -1.53 -2.67 -10.23
C HIS A 164 -1.46 -3.06 -11.66
N SER A 165 -0.55 -2.45 -12.39
CA SER A 165 -0.45 -2.76 -13.78
C SER A 165 0.02 -4.15 -13.96
N LYS A 166 0.66 -4.70 -12.96
CA LYS A 166 1.09 -6.06 -12.97
C LYS A 166 0.05 -6.93 -12.33
N GLY A 167 -1.14 -6.42 -12.15
CA GLY A 167 -2.23 -7.23 -11.73
C GLY A 167 -2.20 -7.53 -10.28
N ILE A 168 -1.52 -6.71 -9.52
CA ILE A 168 -1.28 -7.01 -8.14
C ILE A 168 -1.74 -5.86 -7.34
N MET A 169 -2.49 -6.19 -6.31
N MET A 169 -2.46 -6.15 -6.29
CA MET A 169 -2.84 -5.27 -5.27
CA MET A 169 -2.79 -5.11 -5.37
C MET A 169 -1.84 -5.46 -4.18
C MET A 169 -2.02 -5.41 -4.11
N HIS A 170 -1.39 -4.38 -3.61
CA HIS A 170 -0.48 -4.54 -2.53
C HIS A 170 -1.23 -4.90 -1.28
N ARG A 171 -2.30 -4.19 -1.03
CA ARG A 171 -3.23 -4.45 0.04
C ARG A 171 -2.66 -4.19 1.39
N ASP A 172 -1.54 -3.54 1.45
CA ASP A 172 -1.06 -3.18 2.75
C ASP A 172 -0.26 -1.94 2.63
N VAL A 173 -0.75 -1.03 1.86
CA VAL A 173 -0.05 0.21 1.71
C VAL A 173 -0.24 0.97 2.98
N LYS A 174 0.85 1.38 3.52
CA LYS A 174 0.86 2.13 4.74
C LYS A 174 2.25 2.61 4.90
N PRO A 175 2.45 3.57 5.74
CA PRO A 175 3.78 4.14 5.83
C PRO A 175 4.80 3.11 6.16
N HIS A 176 4.45 2.17 7.00
CA HIS A 176 5.41 1.16 7.38
C HIS A 176 5.82 0.34 6.21
N ASN A 177 5.04 0.32 5.17
CA ASN A 177 5.42 -0.43 4.01
C ASN A 177 5.91 0.42 2.92
N VAL A 178 6.16 1.66 3.20
CA VAL A 178 6.67 2.56 2.22
C VAL A 178 7.99 3.01 2.78
N MET A 179 9.04 2.36 2.37
N MET A 179 9.03 2.27 2.45
CA MET A 179 10.36 2.71 2.85
CA MET A 179 10.37 2.68 2.80
C MET A 179 10.79 3.93 2.10
C MET A 179 10.61 4.00 2.10
N ILE A 180 11.14 4.96 2.83
CA ILE A 180 11.59 6.18 2.24
C ILE A 180 12.96 6.40 2.77
N ASP A 181 13.94 6.35 1.90
CA ASP A 181 15.26 6.86 2.22
C ASP A 181 15.16 8.32 1.85
N HIS A 182 14.91 9.14 2.86
CA HIS A 182 14.69 10.55 2.59
C HIS A 182 15.96 11.25 2.21
N GLN A 183 17.10 10.62 2.49
CA GLN A 183 18.37 11.20 2.09
C GLN A 183 18.56 11.06 0.59
N GLN A 184 18.31 9.87 0.06
CA GLN A 184 18.41 9.66 -1.37
C GLN A 184 17.11 9.86 -2.10
N LYS A 185 16.05 10.26 -1.39
CA LYS A 185 14.75 10.44 -1.98
C LYS A 185 14.37 9.16 -2.73
N LYS A 186 14.53 8.05 -2.03
N LYS A 186 14.68 8.04 -2.10
CA LYS A 186 14.30 6.73 -2.59
CA LYS A 186 14.29 6.74 -2.59
C LYS A 186 13.20 6.06 -1.82
C LYS A 186 13.06 6.30 -1.83
N LEU A 187 12.20 5.59 -2.53
CA LEU A 187 11.03 5.05 -1.90
C LEU A 187 10.88 3.65 -2.41
N ARG A 188 10.53 2.78 -1.50
CA ARG A 188 10.24 1.44 -1.92
C ARG A 188 9.01 1.01 -1.19
N LEU A 189 8.13 0.43 -1.95
CA LEU A 189 6.98 -0.19 -1.38
C LEU A 189 7.37 -1.59 -1.06
N ILE A 190 7.26 -1.91 0.19
CA ILE A 190 7.70 -3.18 0.65
C ILE A 190 6.52 -3.94 1.14
N ASP A 191 6.86 -5.11 1.62
CA ASP A 191 5.98 -6.03 2.27
C ASP A 191 4.80 -6.33 1.40
N TRP A 192 5.12 -7.17 0.45
CA TRP A 192 4.15 -7.68 -0.47
C TRP A 192 3.51 -8.92 0.04
N GLY A 193 3.64 -9.16 1.34
CA GLY A 193 3.09 -10.36 1.89
C GLY A 193 1.59 -10.39 1.87
N LEU A 194 0.95 -9.26 1.76
CA LEU A 194 -0.50 -9.25 1.67
C LEU A 194 -0.95 -9.04 0.27
N ALA A 195 -0.01 -8.88 -0.63
CA ALA A 195 -0.37 -8.53 -1.97
C ALA A 195 -1.06 -9.70 -2.60
N GLU A 196 -1.92 -9.39 -3.51
CA GLU A 196 -2.65 -10.42 -4.17
C GLU A 196 -2.78 -10.00 -5.60
N PHE A 197 -3.00 -10.98 -6.40
CA PHE A 197 -3.34 -10.74 -7.75
C PHE A 197 -4.77 -10.36 -7.83
N TYR A 198 -5.02 -9.37 -8.63
CA TYR A 198 -6.36 -8.95 -8.85
C TYR A 198 -6.93 -9.71 -10.00
N HIS A 199 -8.05 -10.31 -9.74
CA HIS A 199 -8.76 -11.01 -10.74
C HIS A 199 -10.17 -10.47 -10.63
N PRO A 200 -10.72 -9.98 -11.70
CA PRO A 200 -12.03 -9.37 -11.63
C PRO A 200 -13.01 -10.34 -11.02
N ALA A 201 -13.84 -9.80 -10.15
CA ALA A 201 -14.92 -10.47 -9.51
C ALA A 201 -14.39 -11.37 -8.43
N GLN A 202 -13.08 -11.48 -8.28
CA GLN A 202 -12.59 -12.32 -7.21
C GLN A 202 -12.93 -11.66 -5.91
N GLU A 203 -13.40 -12.45 -4.98
CA GLU A 203 -13.69 -11.95 -3.66
C GLU A 203 -12.46 -12.19 -2.83
N TYR A 204 -11.96 -11.12 -2.29
CA TYR A 204 -10.73 -11.17 -1.56
C TYR A 204 -11.03 -11.06 -0.10
N ASN A 205 -10.06 -11.51 0.65
CA ASN A 205 -10.16 -11.38 2.08
C ASN A 205 -10.09 -9.92 2.41
N VAL A 206 -11.06 -9.46 3.19
CA VAL A 206 -10.99 -8.07 3.58
C VAL A 206 -10.04 -7.86 4.73
N ARG A 207 -9.51 -8.94 5.28
CA ARG A 207 -8.57 -8.82 6.37
C ARG A 207 -7.20 -8.58 5.77
N VAL A 208 -7.10 -7.43 5.13
CA VAL A 208 -5.87 -7.02 4.57
C VAL A 208 -5.70 -5.57 4.93
N ALA A 209 -4.56 -5.06 4.55
CA ALA A 209 -4.16 -3.73 4.89
C ALA A 209 -4.12 -3.61 6.38
N SER A 210 -3.67 -2.48 6.83
N SER A 210 -3.51 -2.54 6.85
CA SER A 210 -3.56 -2.21 8.24
CA SER A 210 -3.53 -2.24 8.27
C SER A 210 -4.62 -1.19 8.58
C SER A 210 -4.70 -1.30 8.53
N ARG A 211 -5.22 -1.37 9.75
CA ARG A 211 -6.46 -0.71 10.08
C ARG A 211 -6.57 0.68 9.51
N TYR A 212 -5.58 1.51 9.76
CA TYR A 212 -5.78 2.90 9.44
C TYR A 212 -5.81 3.11 7.97
N PHE A 213 -5.39 2.13 7.23
CA PHE A 213 -5.26 2.23 5.81
C PHE A 213 -6.23 1.35 5.12
N LYS A 214 -7.08 0.71 5.87
CA LYS A 214 -8.07 -0.13 5.25
C LYS A 214 -9.08 0.72 4.57
N GLY A 215 -9.34 0.41 3.34
CA GLY A 215 -10.36 1.07 2.62
C GLY A 215 -11.70 0.73 3.21
N PRO A 216 -12.65 1.60 3.01
CA PRO A 216 -13.99 1.32 3.46
C PRO A 216 -14.47 0.00 2.96
N GLU A 217 -14.05 -0.38 1.76
CA GLU A 217 -14.52 -1.65 1.25
C GLU A 217 -14.12 -2.75 2.20
N LEU A 218 -12.92 -2.68 2.75
CA LEU A 218 -12.55 -3.73 3.66
C LEU A 218 -13.38 -3.63 4.89
N LEU A 219 -13.61 -2.42 5.33
CA LEU A 219 -14.24 -2.22 6.59
C LEU A 219 -15.69 -2.58 6.56
N VAL A 220 -16.28 -2.58 5.38
CA VAL A 220 -17.63 -3.04 5.23
C VAL A 220 -17.65 -4.43 4.63
N ASP A 221 -16.52 -5.11 4.64
CA ASP A 221 -16.46 -6.49 4.28
C ASP A 221 -16.83 -6.68 2.84
N TYR A 222 -16.51 -5.71 2.02
CA TYR A 222 -16.76 -5.84 0.62
C TYR A 222 -15.55 -6.51 0.02
N GLN A 223 -15.73 -7.72 -0.43
CA GLN A 223 -14.59 -8.52 -0.79
C GLN A 223 -14.19 -8.34 -2.20
N MET A 224 -15.02 -7.71 -3.00
N MET A 224 -15.06 -7.83 -3.06
CA MET A 224 -14.72 -7.63 -4.41
CA MET A 224 -14.72 -7.73 -4.47
C MET A 224 -13.98 -6.36 -4.69
C MET A 224 -13.97 -6.43 -4.76
N TYR A 225 -12.93 -6.19 -3.96
CA TYR A 225 -12.18 -4.98 -4.07
C TYR A 225 -11.06 -5.20 -5.04
N ASP A 226 -10.28 -4.18 -5.22
CA ASP A 226 -9.31 -4.27 -6.25
C ASP A 226 -8.19 -3.32 -5.89
N TYR A 227 -7.41 -3.00 -6.88
CA TYR A 227 -6.26 -2.17 -6.67
C TYR A 227 -6.62 -0.91 -5.99
N SER A 228 -7.84 -0.46 -6.16
CA SER A 228 -8.22 0.78 -5.59
C SER A 228 -8.16 0.75 -4.10
N LEU A 229 -8.13 -0.42 -3.50
CA LEU A 229 -7.90 -0.46 -2.09
C LEU A 229 -6.59 0.22 -1.77
N ASP A 230 -5.59 -0.03 -2.59
CA ASP A 230 -4.31 0.58 -2.33
C ASP A 230 -4.38 2.05 -2.47
N MET A 231 -5.27 2.51 -3.31
CA MET A 231 -5.37 3.92 -3.50
C MET A 231 -6.05 4.56 -2.34
N TRP A 232 -6.95 3.86 -1.69
CA TRP A 232 -7.44 4.37 -0.45
C TRP A 232 -6.30 4.49 0.51
N SER A 233 -5.54 3.44 0.64
CA SER A 233 -4.46 3.47 1.59
C SER A 233 -3.52 4.57 1.26
N LEU A 234 -3.24 4.74 -0.01
N LEU A 234 -3.17 4.67 -0.03
CA LEU A 234 -2.36 5.80 -0.38
CA LEU A 234 -2.37 5.79 -0.50
C LEU A 234 -3.01 7.12 -0.04
C LEU A 234 -3.00 7.10 -0.05
N GLY A 235 -4.30 7.24 -0.29
CA GLY A 235 -4.98 8.45 0.09
C GLY A 235 -4.85 8.70 1.56
N CYS A 236 -4.92 7.64 2.35
CA CYS A 236 -4.76 7.83 3.76
C CYS A 236 -3.38 8.34 4.05
N MET A 237 -2.42 7.81 3.34
CA MET A 237 -1.08 8.28 3.56
C MET A 237 -0.96 9.70 3.13
N LEU A 238 -1.50 10.00 1.98
CA LEU A 238 -1.43 11.37 1.53
C LEU A 238 -2.06 12.27 2.54
N ALA A 239 -3.23 11.90 3.01
CA ALA A 239 -3.88 12.73 3.99
C ALA A 239 -2.99 12.91 5.18
N SER A 240 -2.39 11.84 5.63
CA SER A 240 -1.58 11.99 6.80
C SER A 240 -0.40 12.84 6.50
N MET A 241 0.10 12.80 5.29
CA MET A 241 1.26 13.59 5.01
C MET A 241 0.90 15.03 4.87
N ILE A 242 -0.15 15.33 4.15
CA ILE A 242 -0.41 16.72 3.93
C ILE A 242 -1.02 17.32 5.14
N PHE A 243 -1.75 16.53 5.91
CA PHE A 243 -2.37 17.11 7.06
C PHE A 243 -1.57 16.89 8.30
N ARG A 244 -0.64 15.97 8.25
CA ARG A 244 0.22 15.63 9.36
C ARG A 244 -0.54 14.96 10.47
N ARG A 245 -1.76 14.55 10.20
CA ARG A 245 -2.46 13.72 11.15
C ARG A 245 -2.19 12.32 10.72
N GLU A 246 -1.38 11.63 11.49
CA GLU A 246 -0.88 10.36 11.07
C GLU A 246 -1.16 9.40 12.21
N PRO A 247 -1.89 8.34 11.99
CA PRO A 247 -2.63 8.09 10.77
C PRO A 247 -3.73 9.07 10.69
N PHE A 248 -4.21 9.21 9.47
CA PHE A 248 -5.23 10.18 9.27
C PHE A 248 -6.55 9.72 9.82
N PHE A 249 -6.89 8.48 9.59
CA PHE A 249 -8.12 7.92 10.08
C PHE A 249 -7.68 6.95 11.12
N HIS A 250 -7.85 7.32 12.35
CA HIS A 250 -7.21 6.60 13.40
C HIS A 250 -8.26 5.78 14.13
N GLY A 251 -8.72 4.75 13.45
CA GLY A 251 -9.69 3.87 14.05
C GLY A 251 -9.08 3.12 15.22
N GLN A 252 -9.89 2.94 16.24
CA GLN A 252 -9.49 2.10 17.34
C GLN A 252 -9.62 0.63 17.01
N ASP A 253 -10.44 0.31 16.02
CA ASP A 253 -10.64 -1.03 15.54
C ASP A 253 -11.25 -0.87 14.15
N ASN A 254 -11.52 -1.99 13.49
CA ASN A 254 -12.01 -1.89 12.13
C ASN A 254 -13.36 -1.20 12.08
N TYR A 255 -14.20 -1.39 13.09
CA TYR A 255 -15.46 -0.68 13.11
C TYR A 255 -15.21 0.80 13.22
N ASP A 256 -14.45 1.17 14.22
CA ASP A 256 -14.21 2.58 14.44
C ASP A 256 -13.46 3.16 13.28
N GLN A 257 -12.66 2.35 12.61
CA GLN A 257 -11.97 2.85 11.45
C GLN A 257 -12.97 3.38 10.46
N LEU A 258 -14.03 2.63 10.22
CA LEU A 258 -15.00 3.13 9.27
C LEU A 258 -15.70 4.33 9.82
N VAL A 259 -15.97 4.32 11.11
CA VAL A 259 -16.57 5.49 11.70
C VAL A 259 -15.67 6.69 11.47
N ARG A 260 -14.38 6.52 11.70
CA ARG A 260 -13.46 7.63 11.52
C ARG A 260 -13.52 8.10 10.09
N ILE A 261 -13.58 7.16 9.18
CA ILE A 261 -13.69 7.55 7.79
C ILE A 261 -15.00 8.27 7.57
N ALA A 262 -16.06 7.72 8.11
CA ALA A 262 -17.37 8.28 7.83
C ALA A 262 -17.49 9.65 8.43
N LYS A 263 -16.77 9.88 9.51
CA LYS A 263 -16.78 11.20 10.10
C LYS A 263 -16.15 12.21 9.17
N VAL A 264 -15.39 11.76 8.20
CA VAL A 264 -14.81 12.65 7.24
C VAL A 264 -15.57 12.60 5.94
N LEU A 265 -15.77 11.41 5.42
N LEU A 265 -15.75 11.39 5.42
CA LEU A 265 -16.39 11.33 4.12
CA LEU A 265 -16.36 11.25 4.12
C LEU A 265 -17.89 11.43 4.20
C LEU A 265 -17.88 11.30 4.18
N GLY A 266 -18.45 11.24 5.37
CA GLY A 266 -19.86 11.39 5.52
C GLY A 266 -20.56 10.06 5.53
N THR A 267 -21.58 9.99 6.35
CA THR A 267 -22.31 8.74 6.45
C THR A 267 -23.28 8.57 5.30
N GLU A 268 -23.98 9.62 4.89
CA GLU A 268 -24.84 9.46 3.72
C GLU A 268 -24.03 8.99 2.53
N GLU A 269 -22.84 9.52 2.38
CA GLU A 269 -21.98 9.09 1.29
C GLU A 269 -21.58 7.64 1.47
N LEU A 270 -21.32 7.25 2.71
CA LEU A 270 -21.06 5.84 2.96
C LEU A 270 -22.24 5.01 2.53
N TYR A 271 -23.43 5.42 2.94
CA TYR A 271 -24.60 4.63 2.59
C TYR A 271 -24.78 4.56 1.11
N GLY A 272 -24.51 5.66 0.41
CA GLY A 272 -24.61 5.62 -1.03
C GLY A 272 -23.64 4.62 -1.59
N TYR A 273 -22.44 4.58 -1.04
CA TYR A 273 -21.48 3.61 -1.47
C TYR A 273 -21.99 2.21 -1.20
N LEU A 274 -22.45 1.98 0.02
CA LEU A 274 -22.95 0.66 0.36
C LEU A 274 -24.06 0.29 -0.57
N LYS A 275 -24.97 1.23 -0.78
CA LYS A 275 -26.09 0.95 -1.65
C LYS A 275 -25.60 0.58 -3.02
N LYS A 276 -24.64 1.34 -3.53
CA LYS A 276 -24.17 1.09 -4.88
C LYS A 276 -23.65 -0.33 -5.02
N TYR A 277 -22.97 -0.83 -4.00
CA TYR A 277 -22.39 -2.16 -4.05
C TYR A 277 -23.21 -3.17 -3.30
N HIS A 278 -24.41 -2.80 -2.92
CA HIS A 278 -25.33 -3.71 -2.26
C HIS A 278 -24.70 -4.25 -0.99
N ILE A 279 -23.94 -3.41 -0.34
CA ILE A 279 -23.32 -3.77 0.90
C ILE A 279 -24.29 -3.41 2.01
N ASP A 280 -24.51 -4.33 2.91
CA ASP A 280 -25.25 -4.06 4.12
C ASP A 280 -24.23 -4.02 5.24
N LEU A 281 -24.38 -3.04 6.10
CA LEU A 281 -23.40 -2.88 7.16
C LEU A 281 -23.55 -4.00 8.14
N ASP A 282 -22.43 -4.47 8.63
CA ASP A 282 -22.41 -5.17 9.88
C ASP A 282 -23.30 -4.35 10.81
N PRO A 283 -24.34 -4.95 11.39
CA PRO A 283 -25.27 -4.15 12.21
C PRO A 283 -24.59 -3.47 13.36
N HIS A 284 -23.39 -3.92 13.75
CA HIS A 284 -22.69 -3.23 14.81
C HIS A 284 -22.44 -1.78 14.45
N PHE A 285 -22.42 -1.45 13.17
CA PHE A 285 -22.19 -0.07 12.77
C PHE A 285 -23.38 0.83 13.09
N ASN A 286 -24.56 0.26 13.28
CA ASN A 286 -25.74 1.08 13.53
C ASN A 286 -25.53 2.01 14.71
N ASP A 287 -24.99 1.47 15.81
CA ASP A 287 -24.86 2.22 17.05
C ASP A 287 -23.54 2.95 17.16
N ILE A 288 -22.75 3.02 16.08
CA ILE A 288 -21.47 3.72 16.15
C ILE A 288 -21.22 4.65 14.96
N LEU A 289 -21.83 4.43 13.80
CA LEU A 289 -21.54 5.31 12.68
C LEU A 289 -22.03 6.72 12.91
N GLY A 290 -23.11 6.87 13.66
CA GLY A 290 -23.68 8.17 13.83
C GLY A 290 -24.12 8.71 12.48
N GLN A 291 -24.26 10.03 12.44
CA GLN A 291 -24.59 10.73 11.21
C GLN A 291 -23.56 11.83 11.06
N HIS A 292 -22.81 11.79 9.96
CA HIS A 292 -21.74 12.73 9.76
C HIS A 292 -21.84 13.27 8.36
N SER A 293 -21.83 14.57 8.25
CA SER A 293 -21.74 15.18 6.93
CA SER A 293 -21.74 15.21 6.94
C SER A 293 -20.36 14.94 6.37
N ARG A 294 -20.28 14.91 5.06
CA ARG A 294 -18.99 14.87 4.43
C ARG A 294 -18.26 16.14 4.82
N LYS A 295 -17.05 15.98 5.33
CA LYS A 295 -16.24 17.10 5.71
C LYS A 295 -15.46 17.60 4.52
N ARG A 296 -15.35 18.90 4.41
CA ARG A 296 -14.42 19.47 3.46
C ARG A 296 -13.02 19.12 3.91
N TRP A 297 -12.21 18.70 2.96
CA TRP A 297 -10.85 18.35 3.29
C TRP A 297 -10.12 19.54 3.85
N GLU A 298 -10.53 20.73 3.47
CA GLU A 298 -9.93 21.90 4.04
C GLU A 298 -10.09 21.94 5.55
N ASN A 299 -11.06 21.20 6.10
CA ASN A 299 -11.24 21.18 7.54
C ASN A 299 -10.01 20.67 8.24
N PHE A 300 -9.15 19.97 7.53
CA PHE A 300 -8.00 19.40 8.17
C PHE A 300 -6.80 20.27 8.07
N ILE A 301 -6.93 21.36 7.40
CA ILE A 301 -5.84 22.28 7.29
C ILE A 301 -5.73 23.03 8.58
N HIS A 302 -4.51 23.15 9.05
N HIS A 302 -4.51 23.19 9.04
CA HIS A 302 -4.20 23.98 10.18
CA HIS A 302 -4.28 24.14 10.09
C HIS A 302 -2.89 24.69 9.86
C HIS A 302 -2.88 24.65 9.89
N SER A 303 -2.49 25.58 10.75
CA SER A 303 -1.31 26.37 10.48
C SER A 303 -0.09 25.50 10.24
N GLU A 304 -0.02 24.35 10.89
CA GLU A 304 1.18 23.54 10.84
C GLU A 304 1.20 22.62 9.64
N ASN A 305 0.08 22.45 8.96
CA ASN A 305 0.08 21.68 7.74
C ASN A 305 -0.32 22.50 6.56
N ARG A 306 -0.68 23.76 6.76
CA ARG A 306 -1.19 24.58 5.68
C ARG A 306 -0.27 24.53 4.48
N HIS A 307 1.04 24.53 4.72
CA HIS A 307 1.99 24.62 3.64
C HIS A 307 2.08 23.33 2.86
N LEU A 308 1.54 22.26 3.39
CA LEU A 308 1.53 21.01 2.68
C LEU A 308 0.24 20.81 1.93
N VAL A 309 -0.75 21.62 2.21
CA VAL A 309 -2.06 21.44 1.64
C VAL A 309 -2.21 22.48 0.56
N SER A 310 -2.62 22.04 -0.58
CA SER A 310 -2.91 22.90 -1.70
C SER A 310 -4.24 22.43 -2.22
N PRO A 311 -4.88 23.24 -3.02
CA PRO A 311 -6.10 22.76 -3.67
C PRO A 311 -5.83 21.48 -4.39
N GLU A 312 -4.68 21.38 -5.06
CA GLU A 312 -4.41 20.17 -5.80
CA GLU A 312 -4.34 20.17 -5.79
C GLU A 312 -4.26 19.00 -4.85
N ALA A 313 -3.58 19.19 -3.74
CA ALA A 313 -3.50 18.09 -2.82
C ALA A 313 -4.88 17.69 -2.37
N LEU A 314 -5.72 18.65 -2.06
CA LEU A 314 -7.01 18.29 -1.54
C LEU A 314 -7.83 17.65 -2.61
N ASP A 315 -7.70 18.13 -3.82
CA ASP A 315 -8.47 17.55 -4.88
C ASP A 315 -8.03 16.13 -5.09
N LEU A 316 -6.73 15.92 -5.11
CA LEU A 316 -6.25 14.58 -5.24
C LEU A 316 -6.74 13.75 -4.10
N LEU A 317 -6.58 14.26 -2.90
CA LEU A 317 -6.97 13.47 -1.78
C LEU A 317 -8.43 13.14 -1.85
N ASP A 318 -9.22 14.11 -2.24
CA ASP A 318 -10.63 13.88 -2.29
C ASP A 318 -10.96 12.81 -3.27
N LYS A 319 -10.13 12.65 -4.27
CA LYS A 319 -10.38 11.68 -5.29
C LYS A 319 -9.79 10.36 -4.95
N LEU A 320 -8.99 10.30 -3.92
CA LEU A 320 -8.49 9.03 -3.45
C LEU A 320 -9.33 8.54 -2.32
N LEU A 321 -9.60 9.39 -1.36
CA LEU A 321 -10.32 8.98 -0.18
C LEU A 321 -11.79 9.11 -0.49
N ARG A 322 -12.23 8.21 -1.33
CA ARG A 322 -13.60 8.10 -1.69
C ARG A 322 -14.03 6.75 -1.24
N TYR A 323 -15.23 6.68 -0.69
CA TYR A 323 -15.73 5.37 -0.35
C TYR A 323 -15.69 4.48 -1.54
N ASP A 324 -16.19 5.00 -2.64
CA ASP A 324 -16.39 4.20 -3.80
C ASP A 324 -15.05 3.88 -4.39
N HIS A 325 -14.60 2.69 -4.08
CA HIS A 325 -13.28 2.30 -4.50
C HIS A 325 -13.17 2.42 -6.00
N GLN A 326 -14.26 2.22 -6.68
N GLN A 326 -14.23 2.12 -6.73
CA GLN A 326 -14.23 2.23 -8.12
CA GLN A 326 -14.15 2.22 -8.18
C GLN A 326 -14.11 3.64 -8.66
C GLN A 326 -13.92 3.64 -8.61
N GLN A 327 -14.39 4.64 -7.83
N GLN A 327 -14.42 4.60 -7.85
CA GLN A 327 -14.30 6.02 -8.24
CA GLN A 327 -14.29 5.99 -8.24
C GLN A 327 -13.04 6.67 -7.73
C GLN A 327 -12.97 6.58 -7.85
N ARG A 328 -12.28 5.97 -6.90
CA ARG A 328 -11.01 6.49 -6.52
C ARG A 328 -10.14 6.56 -7.73
N LEU A 329 -9.26 7.51 -7.72
CA LEU A 329 -8.29 7.53 -8.77
C LEU A 329 -7.53 6.26 -8.77
N THR A 330 -7.22 5.82 -9.94
CA THR A 330 -6.23 4.82 -10.05
C THR A 330 -4.90 5.45 -9.74
N ALA A 331 -3.93 4.61 -9.53
CA ALA A 331 -2.62 5.15 -9.26
C ALA A 331 -2.17 6.00 -10.40
N LYS A 332 -2.45 5.56 -11.60
CA LYS A 332 -2.03 6.35 -12.73
C LYS A 332 -2.78 7.65 -12.76
N GLU A 333 -4.08 7.60 -12.54
CA GLU A 333 -4.83 8.83 -12.52
C GLU A 333 -4.31 9.73 -11.46
N ALA A 334 -3.98 9.17 -10.32
CA ALA A 334 -3.43 10.00 -9.29
C ALA A 334 -2.12 10.56 -9.74
N MET A 335 -1.29 9.76 -10.37
CA MET A 335 -0.02 10.28 -10.81
C MET A 335 -0.21 11.38 -11.80
N GLU A 336 -1.26 11.31 -12.55
CA GLU A 336 -1.54 12.31 -13.56
CA GLU A 336 -1.50 12.33 -13.55
C GLU A 336 -2.15 13.54 -12.96
N HIS A 337 -2.48 13.50 -11.71
CA HIS A 337 -3.15 14.59 -11.11
C HIS A 337 -2.20 15.77 -11.03
N PRO A 338 -2.72 16.95 -11.18
CA PRO A 338 -1.87 18.13 -11.10
C PRO A 338 -1.08 18.22 -9.86
N TYR A 339 -1.52 17.61 -8.78
CA TYR A 339 -0.74 17.66 -7.58
C TYR A 339 0.66 17.22 -7.85
N PHE A 340 0.84 16.32 -8.78
CA PHE A 340 2.18 15.83 -9.03
C PHE A 340 2.86 16.54 -10.12
N TYR A 341 2.21 17.49 -10.72
CA TYR A 341 2.86 18.21 -11.79
C TYR A 341 4.19 18.76 -11.33
N PRO A 342 4.32 19.34 -10.14
CA PRO A 342 5.63 19.81 -9.72
C PRO A 342 6.66 18.72 -9.70
N VAL A 343 6.23 17.50 -9.41
CA VAL A 343 7.16 16.39 -9.35
C VAL A 343 7.55 15.99 -10.74
N VAL A 344 6.55 15.85 -11.61
CA VAL A 344 6.82 15.52 -12.99
C VAL A 344 7.69 16.60 -13.61
N LYS A 345 7.27 17.86 -13.42
CA LYS A 345 8.06 18.98 -13.93
C LYS A 345 9.49 18.91 -13.41
N GLU A 346 9.66 18.69 -12.11
CA GLU A 346 11.01 18.54 -11.56
C GLU A 346 11.68 17.29 -12.12
N GLN A 347 10.90 16.23 -12.34
CA GLN A 347 11.45 15.00 -12.91
C GLN A 347 12.05 15.27 -14.27
N SER A 348 11.35 16.03 -15.12
CA SER A 348 11.83 16.33 -16.46
C SER A 348 12.93 17.37 -16.43
N GLN A 349 12.62 18.57 -15.96
CA GLN A 349 13.59 19.66 -15.88
C GLN A 349 14.81 19.24 -15.07
#